data_2ZNQ
#
_entry.id   2ZNQ
#
_cell.length_a   39.172
_cell.length_b   91.947
_cell.length_c   96.361
_cell.angle_alpha   90.00
_cell.angle_beta   98.01
_cell.angle_gamma   90.00
#
_symmetry.space_group_name_H-M   'P 1 21 1'
#
loop_
_entity.id
_entity.type
_entity.pdbx_description
1 polymer 'Peroxisome proliferator-activated receptor delta'
2 non-polymer 'heptyl beta-D-glucopyranoside'
3 non-polymer '(2S)-2-{3-[({[2-fluoro-4-(trifluoromethyl)phenyl]carbonyl}amino)methyl]-4-methoxybenzyl}butanoic acid'
4 water water
#
_entity_poly.entity_id   1
_entity_poly.type   'polypeptide(L)'
_entity_poly.pdbx_seq_one_letter_code
;GSHMPQVADLKAFSKHIYNAYLKNFNMTKKKARSILTGKASHTAPFVIHDIETLWQAEKGLVWKQLVNGLPPYKEISVHV
FYRCQCTTVETVRELTEFAKSIPSFSSLFLNDQVTLLKYGVHEAIFAMLASIVNKDGLLVANGSGFVTREFLRSLRKPFS
DIIEPKFEFAVKFNALELDDSDLALFIAAIILCGDRPGLMNVPRVEAIQDTILRALEFHLQANHPDAQYLFPKLLQKMAD
LRQLVTEHAQMMQRIKKTETETSLHPLLQEIYKDMY
;
_entity_poly.pdbx_strand_id   A,B
#
# COMPACT_ATOMS: atom_id res chain seq x y z
N ASP A 9 4.82 22.15 -17.65
CA ASP A 9 4.63 20.67 -17.42
C ASP A 9 5.64 20.19 -16.37
N LEU A 10 6.92 20.43 -16.62
CA LEU A 10 7.93 20.04 -15.65
C LEU A 10 7.74 20.98 -14.44
N LYS A 11 7.29 22.19 -14.71
CA LYS A 11 7.04 23.18 -13.66
C LYS A 11 5.76 22.75 -12.94
N ALA A 12 4.75 22.36 -13.73
CA ALA A 12 3.47 21.90 -13.21
C ALA A 12 3.70 20.71 -12.29
N PHE A 13 4.73 19.93 -12.64
CA PHE A 13 5.12 18.76 -11.87
C PHE A 13 5.63 19.20 -10.50
N SER A 14 6.60 20.10 -10.48
CA SER A 14 7.15 20.59 -9.21
C SER A 14 6.10 21.26 -8.34
N LYS A 15 5.21 22.01 -8.99
CA LYS A 15 4.13 22.69 -8.28
C LYS A 15 3.17 21.72 -7.61
N HIS A 16 2.90 20.60 -8.26
CA HIS A 16 2.01 19.59 -7.71
C HIS A 16 2.64 18.91 -6.49
N ILE A 17 3.94 18.61 -6.60
CA ILE A 17 4.70 17.97 -5.52
C ILE A 17 4.81 18.94 -4.32
N TYR A 18 4.88 20.24 -4.62
CA TYR A 18 4.99 21.28 -3.60
C TYR A 18 3.70 21.49 -2.83
N ASN A 19 2.58 21.39 -3.54
CA ASN A 19 1.27 21.54 -2.94
C ASN A 19 0.93 20.26 -2.18
N ALA A 20 1.50 19.14 -2.62
CA ALA A 20 1.30 17.85 -1.97
C ALA A 20 2.05 17.82 -0.64
N TYR A 21 3.24 18.39 -0.63
CA TYR A 21 4.08 18.46 0.55
C TYR A 21 3.42 19.37 1.61
N LEU A 22 3.10 20.59 1.21
CA LEU A 22 2.46 21.59 2.07
C LEU A 22 1.12 21.12 2.64
N LYS A 23 0.46 20.23 1.90
CA LYS A 23 -0.84 19.70 2.27
C LYS A 23 -0.76 18.49 3.18
N ASN A 24 0.35 17.78 3.15
CA ASN A 24 0.47 16.56 3.94
C ASN A 24 1.41 16.62 5.13
N PHE A 25 2.15 17.73 5.28
CA PHE A 25 3.07 17.90 6.39
C PHE A 25 2.69 19.14 7.21
N ASN A 26 2.24 18.92 8.44
CA ASN A 26 1.85 20.04 9.27
C ASN A 26 3.03 20.95 9.56
N MET A 27 4.14 20.36 10.00
CA MET A 27 5.33 21.12 10.33
C MET A 27 6.30 21.27 9.18
N THR A 28 6.27 22.44 8.54
CA THR A 28 7.18 22.70 7.41
C THR A 28 8.39 23.45 7.93
N LYS A 29 9.46 23.46 7.15
CA LYS A 29 10.68 24.15 7.56
C LYS A 29 10.43 25.64 7.78
N LYS A 30 9.50 26.22 7.01
CA LYS A 30 9.19 27.64 7.16
C LYS A 30 8.70 27.88 8.59
N LYS A 31 7.65 27.17 8.99
CA LYS A 31 7.10 27.29 10.33
C LYS A 31 8.18 26.94 11.38
N ALA A 32 8.95 25.89 11.10
CA ALA A 32 10.01 25.44 11.99
C ALA A 32 11.03 26.55 12.19
N ARG A 33 11.49 27.12 11.09
CA ARG A 33 12.46 28.19 11.12
C ARG A 33 11.90 29.47 11.74
N SER A 34 10.60 29.69 11.62
CA SER A 34 9.98 30.87 12.20
C SER A 34 10.12 30.87 13.71
N ILE A 35 9.82 29.72 14.31
CA ILE A 35 9.89 29.53 15.75
C ILE A 35 11.32 29.54 16.26
N LEU A 36 12.17 28.73 15.61
CA LEU A 36 13.58 28.60 15.97
C LEU A 36 14.36 29.93 16.00
N THR A 37 13.91 30.90 15.21
CA THR A 37 14.57 32.21 15.19
C THR A 37 13.91 33.16 16.18
N GLY A 38 12.61 33.44 16.02
CA GLY A 38 11.94 34.31 16.96
C GLY A 38 10.64 34.98 16.56
N LYS A 39 10.25 34.87 15.29
CA LYS A 39 9.02 35.51 14.78
C LYS A 39 7.79 35.56 15.69
N ALA A 40 7.18 36.76 15.72
CA ALA A 40 5.99 37.07 16.52
C ALA A 40 4.76 36.22 16.23
N SER A 41 4.64 35.83 14.96
CA SER A 41 3.52 35.01 14.48
C SER A 41 3.42 33.67 15.21
N HIS A 42 4.39 33.38 16.09
CA HIS A 42 4.40 32.13 16.84
C HIS A 42 4.63 32.30 18.35
N THR A 43 4.31 31.24 19.09
CA THR A 43 4.47 31.19 20.55
C THR A 43 5.90 30.65 20.83
N ALA A 44 6.41 30.87 22.05
CA ALA A 44 7.76 30.40 22.40
C ALA A 44 7.69 28.94 22.87
N PRO A 45 8.57 28.08 22.33
CA PRO A 45 8.57 26.66 22.72
C PRO A 45 9.16 26.44 24.12
N PHE A 46 8.66 25.44 24.83
CA PHE A 46 9.16 25.14 26.17
C PHE A 46 10.42 24.30 26.03
N VAL A 47 11.46 24.68 26.77
CA VAL A 47 12.73 23.97 26.73
C VAL A 47 12.83 22.76 27.67
N ILE A 48 12.98 21.58 27.07
CA ILE A 48 13.09 20.31 27.75
C ILE A 48 14.58 19.95 27.72
N HIS A 49 15.20 19.87 28.89
CA HIS A 49 16.64 19.58 29.01
C HIS A 49 16.96 18.62 30.16
N ASP A 50 15.94 18.17 30.88
CA ASP A 50 16.12 17.22 31.98
C ASP A 50 14.81 16.46 32.28
N ILE A 51 14.77 15.72 33.39
CA ILE A 51 13.58 14.96 33.73
C ILE A 51 12.42 15.82 34.18
N GLU A 52 12.70 16.84 34.98
CA GLU A 52 11.65 17.73 35.48
C GLU A 52 10.93 18.45 34.35
N THR A 53 11.70 18.98 33.40
CA THR A 53 11.10 19.71 32.29
C THR A 53 10.29 18.79 31.39
N LEU A 54 10.83 17.62 31.07
CA LEU A 54 10.12 16.66 30.26
C LEU A 54 8.82 16.29 30.94
N TRP A 55 8.88 15.93 32.21
CA TRP A 55 7.67 15.58 32.94
C TRP A 55 6.71 16.76 32.89
N GLN A 56 7.27 17.98 32.93
CA GLN A 56 6.46 19.20 32.88
C GLN A 56 5.76 19.31 31.53
N ALA A 57 6.48 18.95 30.46
CA ALA A 57 5.94 18.98 29.11
C ALA A 57 4.94 17.86 28.88
N GLU A 58 5.11 16.74 29.56
CA GLU A 58 4.21 15.61 29.41
C GLU A 58 2.82 15.93 29.91
N LYS A 59 2.75 16.59 31.04
CA LYS A 59 1.46 16.95 31.63
C LYS A 59 0.80 18.02 30.79
N GLY A 60 0.91 19.27 31.22
CA GLY A 60 0.30 20.34 30.48
C GLY A 60 1.28 20.93 29.50
N LEU A 61 1.78 22.11 29.85
CA LEU A 61 2.75 22.86 29.06
C LEU A 61 2.73 22.52 27.58
N VAL A 62 3.49 21.48 27.19
CA VAL A 62 3.56 21.05 25.81
C VAL A 62 2.41 20.09 25.44
N TRP A 63 2.48 18.84 25.90
CA TRP A 63 1.43 17.85 25.59
C TRP A 63 0.14 18.01 26.43
N LEU A 70 1.05 5.03 25.11
CA LEU A 70 2.45 4.62 25.18
C LEU A 70 2.72 3.54 26.24
N PRO A 71 3.94 2.98 26.24
CA PRO A 71 4.27 1.95 27.23
C PRO A 71 4.48 2.59 28.59
N PRO A 72 4.30 1.82 29.67
CA PRO A 72 4.48 2.33 31.03
C PRO A 72 5.89 2.89 31.19
N TYR A 73 5.97 4.06 31.81
CA TYR A 73 7.24 4.72 32.01
C TYR A 73 8.22 3.89 32.84
N LYS A 74 9.35 3.51 32.25
CA LYS A 74 10.35 2.76 32.99
C LYS A 74 11.53 3.65 33.39
N GLU A 75 12.19 4.24 32.40
CA GLU A 75 13.34 5.12 32.63
C GLU A 75 13.36 6.19 31.55
N ILE A 76 14.01 7.31 31.82
CA ILE A 76 14.06 8.42 30.85
C ILE A 76 14.62 8.11 29.47
N SER A 77 15.68 7.32 29.41
CA SER A 77 16.27 6.99 28.12
C SER A 77 15.32 6.18 27.26
N VAL A 78 14.55 5.29 27.89
CA VAL A 78 13.59 4.47 27.15
C VAL A 78 12.30 5.20 26.82
N HIS A 79 11.94 6.18 27.65
CA HIS A 79 10.75 6.96 27.38
C HIS A 79 10.93 7.78 26.10
N VAL A 80 12.09 8.41 25.97
CA VAL A 80 12.43 9.25 24.83
C VAL A 80 12.51 8.42 23.55
N PHE A 81 13.15 7.27 23.66
CA PHE A 81 13.30 6.35 22.55
C PHE A 81 11.91 6.07 21.98
N TYR A 82 10.96 5.83 22.88
CA TYR A 82 9.59 5.56 22.51
C TYR A 82 8.97 6.73 21.78
N ARG A 83 9.18 7.94 22.30
CA ARG A 83 8.63 9.12 21.62
C ARG A 83 9.23 9.29 20.23
N CYS A 84 10.49 8.85 20.06
CA CYS A 84 11.16 8.91 18.76
C CYS A 84 10.49 7.90 17.84
N GLN A 85 10.10 6.76 18.41
CA GLN A 85 9.43 5.73 17.63
C GLN A 85 8.08 6.24 17.12
N CYS A 86 7.33 6.92 17.99
CA CYS A 86 6.02 7.43 17.62
C CYS A 86 6.12 8.50 16.55
N THR A 87 7.07 9.40 16.74
CA THR A 87 7.31 10.47 15.79
C THR A 87 7.49 9.84 14.41
N THR A 88 8.33 8.81 14.34
CA THR A 88 8.59 8.10 13.09
C THR A 88 7.30 7.53 12.49
N VAL A 89 6.45 6.95 13.33
CA VAL A 89 5.18 6.36 12.89
C VAL A 89 4.20 7.38 12.29
N GLU A 90 4.08 8.55 12.90
CA GLU A 90 3.19 9.58 12.36
C GLU A 90 3.77 10.19 11.10
N THR A 91 5.10 10.30 11.03
CA THR A 91 5.79 10.84 9.86
C THR A 91 5.55 9.86 8.72
N VAL A 92 5.62 8.57 9.01
CA VAL A 92 5.38 7.55 8.00
C VAL A 92 3.95 7.64 7.48
N ARG A 93 3.01 8.11 8.31
CA ARG A 93 1.63 8.25 7.83
C ARG A 93 1.56 9.41 6.85
N GLU A 94 2.22 10.51 7.18
CA GLU A 94 2.26 11.69 6.34
C GLU A 94 2.99 11.44 5.03
N LEU A 95 4.06 10.66 5.09
CA LEU A 95 4.83 10.31 3.91
C LEU A 95 4.05 9.43 2.94
N THR A 96 3.20 8.54 3.47
CA THR A 96 2.38 7.66 2.63
C THR A 96 1.41 8.52 1.83
N GLU A 97 0.74 9.44 2.53
CA GLU A 97 -0.20 10.36 1.91
C GLU A 97 0.46 11.25 0.86
N PHE A 98 1.69 11.67 1.14
CA PHE A 98 2.45 12.51 0.23
C PHE A 98 2.79 11.77 -1.05
N ALA A 99 3.43 10.61 -0.86
CA ALA A 99 3.83 9.77 -1.98
C ALA A 99 2.60 9.42 -2.80
N LYS A 100 1.50 9.14 -2.12
CA LYS A 100 0.26 8.79 -2.79
C LYS A 100 -0.26 9.96 -3.61
N SER A 101 -0.02 11.18 -3.14
CA SER A 101 -0.50 12.37 -3.85
C SER A 101 0.27 12.66 -5.15
N ILE A 102 1.16 11.75 -5.51
CA ILE A 102 1.88 11.86 -6.77
C ILE A 102 1.11 10.89 -7.68
N PRO A 103 0.24 11.42 -8.55
CA PRO A 103 -0.57 10.62 -9.49
C PRO A 103 0.17 9.39 -10.05
N SER A 104 1.39 9.62 -10.51
CA SER A 104 2.21 8.56 -11.09
C SER A 104 2.60 7.47 -10.10
N PHE A 105 2.85 7.85 -8.85
CA PHE A 105 3.23 6.91 -7.79
C PHE A 105 2.10 5.94 -7.48
N SER A 106 0.90 6.48 -7.26
CA SER A 106 -0.28 5.70 -6.92
C SER A 106 -0.72 4.70 -7.98
N SER A 107 -0.27 4.89 -9.21
CA SER A 107 -0.61 3.98 -10.31
C SER A 107 0.23 2.71 -10.24
N LEU A 108 1.30 2.75 -9.45
CA LEU A 108 2.18 1.60 -9.25
C LEU A 108 1.40 0.62 -8.37
N PHE A 109 1.67 -0.67 -8.53
CA PHE A 109 0.99 -1.66 -7.72
C PHE A 109 1.40 -1.48 -6.26
N LEU A 110 0.41 -1.56 -5.38
CA LEU A 110 0.58 -1.37 -3.96
C LEU A 110 1.85 -1.95 -3.35
N ASN A 111 2.15 -3.18 -3.73
CA ASN A 111 3.34 -3.88 -3.26
C ASN A 111 4.61 -3.07 -3.51
N ASP A 112 4.70 -2.46 -4.68
CA ASP A 112 5.84 -1.63 -5.04
C ASP A 112 5.83 -0.31 -4.28
N GLN A 113 4.64 0.17 -3.92
CA GLN A 113 4.52 1.41 -3.18
C GLN A 113 5.05 1.18 -1.77
N VAL A 114 4.81 -0.03 -1.27
CA VAL A 114 5.26 -0.42 0.05
C VAL A 114 6.77 -0.58 0.10
N THR A 115 7.32 -1.26 -0.90
CA THR A 115 8.77 -1.46 -0.97
C THR A 115 9.49 -0.12 -0.98
N LEU A 116 9.00 0.79 -1.81
CA LEU A 116 9.58 2.12 -1.92
C LEU A 116 9.54 2.84 -0.58
N LEU A 117 8.38 2.80 0.07
CA LEU A 117 8.20 3.43 1.37
C LEU A 117 9.03 2.76 2.47
N LYS A 118 9.17 1.45 2.38
CA LYS A 118 9.92 0.70 3.37
C LYS A 118 11.40 1.09 3.39
N TYR A 119 12.02 1.18 2.22
CA TYR A 119 13.43 1.53 2.17
C TYR A 119 13.69 3.00 2.04
N GLY A 120 12.64 3.80 2.06
CA GLY A 120 12.81 5.23 1.91
C GLY A 120 12.35 6.12 3.06
N VAL A 121 11.37 5.68 3.85
CA VAL A 121 10.89 6.51 4.94
C VAL A 121 11.96 7.05 5.86
N HIS A 122 12.91 6.23 6.27
CA HIS A 122 13.93 6.75 7.14
C HIS A 122 14.84 7.78 6.48
N GLU A 123 15.16 7.57 5.21
CA GLU A 123 16.00 8.53 4.48
C GLU A 123 15.27 9.87 4.47
N ALA A 124 13.97 9.82 4.23
CA ALA A 124 13.14 11.02 4.20
C ALA A 124 13.11 11.68 5.58
N ILE A 125 12.82 10.88 6.60
CA ILE A 125 12.75 11.35 7.97
C ILE A 125 14.00 12.09 8.44
N PHE A 126 15.18 11.53 8.20
CA PHE A 126 16.41 12.18 8.63
C PHE A 126 16.73 13.42 7.79
N ALA A 127 16.07 13.55 6.66
CA ALA A 127 16.29 14.71 5.81
C ALA A 127 15.40 15.86 6.26
N MET A 128 14.23 15.52 6.82
CA MET A 128 13.29 16.51 7.30
C MET A 128 13.54 16.83 8.76
N LEU A 129 14.38 16.02 9.40
CA LEU A 129 14.73 16.23 10.79
C LEU A 129 15.52 17.55 10.84
N ALA A 130 16.28 17.79 9.79
CA ALA A 130 17.10 18.99 9.65
C ALA A 130 16.26 20.26 9.69
N SER A 131 15.06 20.19 9.15
CA SER A 131 14.17 21.35 9.14
C SER A 131 13.83 21.84 10.55
N ILE A 132 13.52 20.91 11.46
CA ILE A 132 13.15 21.28 12.83
C ILE A 132 14.30 21.15 13.82
N VAL A 133 15.52 21.02 13.31
CA VAL A 133 16.71 20.86 14.13
C VAL A 133 17.71 22.01 14.04
N ASN A 134 18.46 22.20 15.11
CA ASN A 134 19.54 23.18 15.10
C ASN A 134 20.66 22.65 15.98
N LYS A 135 21.80 23.33 15.95
CA LYS A 135 22.97 22.92 16.72
C LYS A 135 22.74 22.67 18.21
N ASP A 136 21.65 23.17 18.77
CA ASP A 136 21.38 22.99 20.20
C ASP A 136 20.22 22.06 20.57
N GLY A 137 19.47 21.61 19.57
CA GLY A 137 18.35 20.73 19.83
C GLY A 137 17.38 20.60 18.68
N LEU A 138 16.15 20.23 19.01
CA LEU A 138 15.12 20.06 18.00
C LEU A 138 13.76 20.31 18.59
N LEU A 139 12.81 20.67 17.72
CA LEU A 139 11.44 20.95 18.13
C LEU A 139 10.64 19.67 18.32
N VAL A 140 9.65 19.73 19.21
CA VAL A 140 8.78 18.60 19.48
C VAL A 140 7.35 19.10 19.67
N ALA A 141 6.41 18.17 19.48
CA ALA A 141 4.99 18.46 19.62
C ALA A 141 4.63 19.75 18.90
N ASN A 142 4.64 19.69 17.57
CA ASN A 142 4.30 20.85 16.76
C ASN A 142 5.07 22.13 17.04
N GLY A 143 6.30 22.01 17.50
CA GLY A 143 7.10 23.18 17.77
C GLY A 143 6.68 23.88 19.05
N SER A 144 5.88 23.22 19.86
CA SER A 144 5.46 23.81 21.13
C SER A 144 6.46 23.42 22.22
N GLY A 145 7.47 22.65 21.83
CA GLY A 145 8.50 22.25 22.75
C GLY A 145 9.82 22.21 22.01
N PHE A 146 10.92 22.33 22.75
CA PHE A 146 12.24 22.31 22.14
C PHE A 146 13.16 21.47 23.02
N VAL A 147 13.42 20.24 22.58
CA VAL A 147 14.28 19.31 23.32
C VAL A 147 15.74 19.59 23.02
N THR A 148 16.53 19.80 24.06
CA THR A 148 17.95 20.08 23.88
C THR A 148 18.78 18.88 23.44
N ARG A 149 19.74 19.16 22.58
CA ARG A 149 20.66 18.18 22.04
C ARG A 149 21.45 17.59 23.21
N GLU A 150 21.79 18.46 24.16
CA GLU A 150 22.55 18.07 25.34
C GLU A 150 21.87 16.94 26.12
N PHE A 151 20.60 17.16 26.45
CA PHE A 151 19.78 16.20 27.18
C PHE A 151 19.64 14.91 26.41
N LEU A 152 19.70 15.00 25.09
CA LEU A 152 19.58 13.80 24.26
C LEU A 152 20.86 13.00 24.35
N ARG A 153 21.99 13.70 24.48
CA ARG A 153 23.30 13.05 24.61
C ARG A 153 23.42 12.45 26.00
N SER A 154 22.81 13.12 26.99
CA SER A 154 22.81 12.67 28.39
C SER A 154 22.22 11.29 28.62
N LEU A 155 21.46 10.79 27.64
CA LEU A 155 20.81 9.50 27.77
C LEU A 155 21.73 8.30 27.85
N ARG A 156 21.28 7.30 28.60
CA ARG A 156 21.98 6.03 28.84
C ARG A 156 22.48 5.43 27.52
N LYS A 157 23.81 5.35 27.39
CA LYS A 157 24.56 4.89 26.20
C LYS A 157 23.93 4.30 24.94
N PRO A 158 23.31 3.11 25.01
CA PRO A 158 22.73 2.59 23.76
C PRO A 158 21.83 3.55 22.95
N PHE A 159 20.91 4.23 23.64
CA PHE A 159 19.97 5.16 23.01
C PHE A 159 20.55 6.52 22.66
N SER A 160 21.59 6.94 23.38
CA SER A 160 22.21 8.24 23.12
C SER A 160 22.97 8.18 21.79
N ASP A 161 23.21 6.96 21.32
CA ASP A 161 23.96 6.72 20.09
C ASP A 161 23.19 6.88 18.77
N ILE A 162 21.90 6.57 18.76
CA ILE A 162 21.16 6.71 17.51
C ILE A 162 20.71 8.16 17.30
N ILE A 163 21.22 9.07 18.14
CA ILE A 163 20.81 10.46 18.05
C ILE A 163 21.83 11.44 17.46
N GLU A 164 23.02 11.48 18.05
CA GLU A 164 24.05 12.38 17.59
C GLU A 164 24.26 12.38 16.06
N PRO A 165 24.34 11.21 15.41
CA PRO A 165 24.54 11.21 13.96
C PRO A 165 23.49 12.02 13.21
N LYS A 166 22.24 11.95 13.67
CA LYS A 166 21.19 12.69 13.01
C LYS A 166 21.49 14.18 13.05
N PHE A 167 21.97 14.65 14.20
CA PHE A 167 22.34 16.04 14.39
C PHE A 167 23.51 16.43 13.52
N GLU A 168 24.54 15.58 13.50
CA GLU A 168 25.72 15.82 12.69
C GLU A 168 25.29 16.04 11.25
N PHE A 169 24.42 15.18 10.76
CA PHE A 169 23.93 15.28 9.39
C PHE A 169 23.06 16.51 9.18
N ALA A 170 22.12 16.72 10.11
CA ALA A 170 21.18 17.82 10.02
C ALA A 170 21.79 19.21 9.89
N VAL A 171 22.77 19.51 10.74
CA VAL A 171 23.42 20.82 10.72
C VAL A 171 24.08 21.06 9.37
N LYS A 172 24.80 20.05 8.89
CA LYS A 172 25.48 20.12 7.60
C LYS A 172 24.46 20.28 6.47
N PHE A 173 23.38 19.51 6.54
CA PHE A 173 22.35 19.58 5.52
C PHE A 173 21.70 20.94 5.56
N ASN A 174 21.63 21.55 6.74
CA ASN A 174 21.04 22.87 6.90
C ASN A 174 21.93 23.99 6.39
N ALA A 175 23.18 23.66 6.10
CA ALA A 175 24.12 24.64 5.58
C ALA A 175 23.87 24.92 4.10
N LEU A 176 23.12 24.04 3.44
CA LEU A 176 22.79 24.21 2.02
C LEU A 176 21.56 25.10 1.82
N GLU A 177 21.09 25.70 2.91
CA GLU A 177 19.94 26.60 2.92
C GLU A 177 18.76 26.34 1.99
N LEU A 178 18.27 25.11 1.96
CA LEU A 178 17.11 24.76 1.12
C LEU A 178 15.80 25.22 1.75
N ASP A 179 14.83 25.57 0.93
CA ASP A 179 13.52 25.97 1.42
C ASP A 179 12.57 24.81 1.17
N ASP A 180 11.33 24.91 1.65
CA ASP A 180 10.35 23.85 1.46
C ASP A 180 10.13 23.42 0.02
N SER A 181 10.28 24.35 -0.91
CA SER A 181 10.06 24.03 -2.32
C SER A 181 11.15 23.09 -2.82
N ASP A 182 12.35 23.27 -2.32
CA ASP A 182 13.44 22.38 -2.72
C ASP A 182 13.15 21.03 -2.07
N LEU A 183 12.84 21.07 -0.77
CA LEU A 183 12.57 19.88 0.01
C LEU A 183 11.47 19.01 -0.52
N ALA A 184 10.44 19.61 -1.08
CA ALA A 184 9.32 18.84 -1.62
C ALA A 184 9.82 17.85 -2.67
N LEU A 185 10.59 18.35 -3.63
CA LEU A 185 11.15 17.52 -4.70
C LEU A 185 12.26 16.61 -4.18
N PHE A 186 12.97 17.05 -3.15
CA PHE A 186 14.06 16.26 -2.59
C PHE A 186 13.52 14.98 -2.00
N ILE A 187 12.55 15.09 -1.10
CA ILE A 187 11.98 13.91 -0.49
C ILE A 187 11.32 13.00 -1.53
N ALA A 188 10.74 13.58 -2.58
CA ALA A 188 10.10 12.81 -3.63
C ALA A 188 11.15 11.96 -4.33
N ALA A 189 12.34 12.55 -4.55
CA ALA A 189 13.43 11.85 -5.21
C ALA A 189 13.93 10.68 -4.38
N ILE A 190 13.77 10.79 -3.06
CA ILE A 190 14.17 9.72 -2.15
C ILE A 190 13.19 8.55 -2.21
N ILE A 191 11.90 8.86 -2.13
CA ILE A 191 10.87 7.83 -2.15
C ILE A 191 10.83 7.03 -3.45
N LEU A 192 11.02 7.71 -4.58
CA LEU A 192 10.99 7.02 -5.86
C LEU A 192 12.38 6.64 -6.31
N CYS A 193 13.01 5.79 -5.52
CA CYS A 193 14.35 5.34 -5.80
C CYS A 193 14.22 3.99 -6.48
N GLY A 194 14.66 3.92 -7.73
CA GLY A 194 14.56 2.70 -8.49
C GLY A 194 15.35 1.48 -8.07
N ASP A 195 16.34 1.63 -7.20
CA ASP A 195 17.10 0.45 -6.82
C ASP A 195 16.84 -0.09 -5.43
N ARG A 196 15.57 -0.10 -5.02
CA ARG A 196 15.23 -0.64 -3.72
C ARG A 196 15.06 -2.17 -3.88
N PRO A 197 15.48 -2.93 -2.87
CA PRO A 197 15.37 -4.39 -2.88
C PRO A 197 13.96 -4.91 -3.09
N GLY A 198 13.82 -5.76 -4.10
CA GLY A 198 12.53 -6.36 -4.38
C GLY A 198 11.55 -5.56 -5.20
N LEU A 199 11.98 -4.46 -5.80
CA LEU A 199 11.10 -3.64 -6.62
C LEU A 199 10.65 -4.46 -7.82
N MET A 200 9.34 -4.57 -7.97
CA MET A 200 8.73 -5.35 -9.05
C MET A 200 8.88 -4.67 -10.41
N ASN A 201 8.47 -3.42 -10.51
CA ASN A 201 8.55 -2.69 -11.77
C ASN A 201 9.60 -1.58 -11.66
N VAL A 202 10.85 -1.98 -11.81
CA VAL A 202 11.97 -1.05 -11.69
C VAL A 202 12.05 0.09 -12.71
N PRO A 203 11.88 -0.19 -14.00
CA PRO A 203 11.95 0.84 -15.04
C PRO A 203 10.97 1.99 -14.83
N ARG A 204 9.78 1.65 -14.34
CA ARG A 204 8.75 2.64 -14.08
C ARG A 204 9.17 3.59 -12.95
N VAL A 205 9.67 3.03 -11.85
CA VAL A 205 10.11 3.83 -10.72
C VAL A 205 11.36 4.65 -11.13
N GLU A 206 12.24 4.05 -11.94
CA GLU A 206 13.44 4.74 -12.40
C GLU A 206 13.08 5.88 -13.34
N ALA A 207 12.02 5.70 -14.11
CA ALA A 207 11.57 6.72 -15.04
C ALA A 207 10.91 7.88 -14.29
N ILE A 208 10.10 7.57 -13.28
CA ILE A 208 9.44 8.61 -12.50
C ILE A 208 10.53 9.37 -11.73
N GLN A 209 11.53 8.65 -11.26
CA GLN A 209 12.63 9.24 -10.51
C GLN A 209 13.36 10.26 -11.36
N ASP A 210 13.61 9.90 -12.62
CA ASP A 210 14.32 10.78 -13.55
C ASP A 210 13.58 12.09 -13.75
N THR A 211 12.27 12.01 -13.88
CA THR A 211 11.43 13.19 -14.06
C THR A 211 11.60 14.10 -12.84
N ILE A 212 11.53 13.51 -11.66
CA ILE A 212 11.67 14.25 -10.39
C ILE A 212 13.00 14.99 -10.30
N LEU A 213 14.09 14.30 -10.63
CA LEU A 213 15.42 14.91 -10.57
C LEU A 213 15.58 16.04 -11.59
N ARG A 214 15.10 15.83 -12.80
CA ARG A 214 15.17 16.86 -13.82
C ARG A 214 14.38 18.06 -13.29
N ALA A 215 13.31 17.77 -12.54
CA ALA A 215 12.49 18.81 -11.94
C ALA A 215 13.33 19.53 -10.89
N LEU A 216 14.01 18.76 -10.07
CA LEU A 216 14.84 19.33 -9.01
C LEU A 216 15.93 20.21 -9.59
N GLU A 217 16.65 19.69 -10.56
CA GLU A 217 17.74 20.42 -11.22
C GLU A 217 17.22 21.75 -11.79
N PHE A 218 16.11 21.66 -12.49
CA PHE A 218 15.47 22.81 -13.12
C PHE A 218 14.99 23.80 -12.07
N HIS A 219 14.44 23.30 -10.97
CA HIS A 219 13.93 24.13 -9.88
C HIS A 219 15.05 24.84 -9.11
N LEU A 220 16.19 24.20 -8.98
CA LEU A 220 17.31 24.77 -8.28
C LEU A 220 18.00 25.91 -9.04
N GLN A 221 17.77 25.98 -10.35
CA GLN A 221 18.36 27.03 -11.16
C GLN A 221 17.61 28.33 -10.94
N ALA A 222 16.29 28.24 -10.84
CA ALA A 222 15.48 29.43 -10.63
C ALA A 222 15.56 29.85 -9.16
N ASN A 223 15.25 28.92 -8.26
CA ASN A 223 15.26 29.19 -6.83
C ASN A 223 16.65 29.46 -6.20
N HIS A 224 17.72 29.05 -6.89
CA HIS A 224 19.07 29.26 -6.38
C HIS A 224 20.05 29.64 -7.49
N PRO A 225 19.82 30.79 -8.17
CA PRO A 225 20.67 31.28 -9.26
C PRO A 225 22.17 31.26 -9.02
N ASP A 226 22.59 31.29 -7.77
CA ASP A 226 24.02 31.32 -7.49
C ASP A 226 24.62 30.08 -6.83
N ALA A 227 23.76 29.15 -6.45
CA ALA A 227 24.20 27.93 -5.77
C ALA A 227 25.09 27.01 -6.59
N GLN A 228 26.40 27.23 -6.50
CA GLN A 228 27.40 26.45 -7.23
C GLN A 228 27.38 24.95 -6.87
N TYR A 229 27.12 24.09 -7.87
CA TYR A 229 27.09 22.64 -7.66
C TYR A 229 26.01 22.14 -6.69
N LEU A 230 24.90 22.86 -6.55
CA LEU A 230 23.88 22.43 -5.60
C LEU A 230 23.25 21.09 -5.93
N PHE A 231 22.90 20.88 -7.20
CA PHE A 231 22.30 19.63 -7.63
C PHE A 231 23.18 18.44 -7.26
N PRO A 232 24.43 18.43 -7.74
CA PRO A 232 25.29 17.29 -7.38
C PRO A 232 25.52 17.19 -5.89
N LYS A 233 25.45 18.30 -5.18
CA LYS A 233 25.63 18.26 -3.73
C LYS A 233 24.50 17.47 -3.09
N LEU A 234 23.27 17.71 -3.54
CA LEU A 234 22.11 17.03 -2.99
C LEU A 234 22.08 15.53 -3.28
N LEU A 235 22.60 15.15 -4.44
CA LEU A 235 22.64 13.73 -4.82
C LEU A 235 23.58 13.02 -3.87
N GLN A 236 24.61 13.73 -3.44
CA GLN A 236 25.56 13.19 -2.50
C GLN A 236 24.84 13.04 -1.16
N LYS A 237 23.97 13.99 -0.83
CA LYS A 237 23.23 13.92 0.42
C LYS A 237 22.31 12.70 0.40
N MET A 238 21.72 12.41 -0.75
CA MET A 238 20.86 11.25 -0.92
C MET A 238 21.70 9.99 -0.68
N ALA A 239 22.96 10.03 -1.13
CA ALA A 239 23.87 8.90 -0.94
C ALA A 239 24.18 8.83 0.55
N ASP A 240 24.44 10.01 1.14
CA ASP A 240 24.74 10.14 2.56
C ASP A 240 23.61 9.58 3.44
N LEU A 241 22.38 9.92 3.07
CA LEU A 241 21.19 9.49 3.79
C LEU A 241 21.01 7.97 3.81
N ARG A 242 21.42 7.31 2.73
CA ARG A 242 21.29 5.87 2.65
C ARG A 242 22.27 5.21 3.62
N GLN A 243 23.42 5.87 3.79
CA GLN A 243 24.44 5.36 4.68
C GLN A 243 24.01 5.58 6.12
N LEU A 244 23.36 6.72 6.35
CA LEU A 244 22.88 7.07 7.68
C LEU A 244 21.83 6.08 8.18
N VAL A 245 20.98 5.59 7.28
CA VAL A 245 19.94 4.65 7.66
C VAL A 245 20.51 3.24 7.94
N THR A 246 21.49 2.85 7.14
CA THR A 246 22.15 1.55 7.30
C THR A 246 22.72 1.47 8.72
N GLU A 247 23.46 2.50 9.11
CA GLU A 247 24.04 2.55 10.44
C GLU A 247 22.92 2.61 11.47
N HIS A 248 21.91 3.44 11.21
CA HIS A 248 20.77 3.59 12.11
C HIS A 248 20.08 2.24 12.35
N ALA A 249 19.80 1.53 11.26
CA ALA A 249 19.17 0.22 11.31
C ALA A 249 20.05 -0.74 12.12
N GLN A 250 21.35 -0.72 11.84
CA GLN A 250 22.28 -1.59 12.56
C GLN A 250 22.22 -1.31 14.06
N MET A 251 22.24 -0.03 14.44
CA MET A 251 22.15 0.37 15.85
C MET A 251 20.88 -0.13 16.52
N MET A 252 19.76 -0.12 15.79
CA MET A 252 18.45 -0.54 16.29
C MET A 252 18.35 -2.05 16.51
N GLN A 253 18.79 -2.82 15.52
CA GLN A 253 18.75 -4.28 15.61
C GLN A 253 19.57 -4.72 16.83
N ARG A 254 20.59 -3.93 17.16
CA ARG A 254 21.45 -4.20 18.28
C ARG A 254 20.67 -3.92 19.55
N ILE A 255 19.95 -2.80 19.58
CA ILE A 255 19.12 -2.44 20.73
C ILE A 255 18.12 -3.57 20.98
N LYS A 256 17.49 -4.05 19.90
CA LYS A 256 16.50 -5.12 19.99
C LYS A 256 17.09 -6.40 20.60
N LYS A 257 18.39 -6.63 20.38
CA LYS A 257 19.04 -7.81 20.92
C LYS A 257 19.41 -7.68 22.39
N THR A 258 20.20 -6.64 22.70
CA THR A 258 20.68 -6.37 24.06
C THR A 258 19.65 -5.77 25.01
N GLU A 259 18.78 -4.92 24.49
CA GLU A 259 17.76 -4.28 25.32
C GLU A 259 16.48 -5.09 25.23
N THR A 260 16.61 -6.40 25.41
CA THR A 260 15.48 -7.32 25.31
C THR A 260 14.17 -6.93 26.01
N GLU A 261 14.23 -6.02 26.97
CA GLU A 261 13.03 -5.60 27.68
C GLU A 261 12.32 -4.38 27.04
N THR A 262 13.02 -3.71 26.12
CA THR A 262 12.50 -2.52 25.45
C THR A 262 11.72 -2.87 24.18
N SER A 263 10.47 -2.43 24.11
CA SER A 263 9.62 -2.71 22.96
C SER A 263 10.11 -2.03 21.69
N LEU A 264 9.61 -2.51 20.56
CA LEU A 264 9.92 -1.95 19.25
C LEU A 264 8.62 -2.00 18.44
N HIS A 265 8.07 -0.83 18.14
CA HIS A 265 6.83 -0.74 17.36
C HIS A 265 6.86 -1.67 16.14
N PRO A 266 5.80 -2.48 15.98
CA PRO A 266 5.68 -3.43 14.87
C PRO A 266 6.01 -2.87 13.49
N LEU A 267 5.70 -1.60 13.25
CA LEU A 267 5.99 -0.99 11.95
C LEU A 267 7.50 -0.84 11.75
N LEU A 268 8.21 -0.54 12.82
CA LEU A 268 9.66 -0.37 12.77
C LEU A 268 10.34 -1.73 12.67
N GLN A 269 9.72 -2.71 13.31
CA GLN A 269 10.24 -4.07 13.30
C GLN A 269 10.20 -4.58 11.85
N GLU A 270 9.14 -4.23 11.13
CA GLU A 270 8.98 -4.67 9.75
C GLU A 270 9.82 -3.92 8.73
N ILE A 271 10.18 -2.68 9.05
CA ILE A 271 11.01 -1.90 8.15
C ILE A 271 12.45 -2.39 8.26
N TYR A 272 12.94 -2.50 9.48
CA TYR A 272 14.30 -2.93 9.76
C TYR A 272 14.64 -4.41 9.53
N LYS A 273 13.64 -5.29 9.72
CA LYS A 273 13.81 -6.75 9.59
C LYS A 273 14.83 -7.32 8.58
N ASP A 274 14.78 -6.85 7.34
CA ASP A 274 15.70 -7.34 6.31
C ASP A 274 16.87 -6.42 6.02
N MET A 275 16.94 -5.32 6.75
CA MET A 275 18.01 -4.39 6.55
C MET A 275 19.26 -4.93 7.24
N TYR A 276 20.39 -4.88 6.53
CA TYR A 276 21.66 -5.36 7.07
C TYR A 276 22.75 -4.31 6.88
N MET B 4 -32.66 2.01 15.71
CA MET B 4 -31.53 1.06 15.93
C MET B 4 -30.24 1.58 15.29
N PRO B 5 -29.37 2.22 16.09
CA PRO B 5 -28.08 2.78 15.64
C PRO B 5 -27.24 1.78 14.86
N GLN B 6 -26.79 0.72 15.53
CA GLN B 6 -25.99 -0.33 14.89
C GLN B 6 -26.60 -0.70 13.52
N VAL B 7 -27.89 -1.01 13.48
CA VAL B 7 -28.56 -1.36 12.22
C VAL B 7 -28.65 -0.15 11.27
N ALA B 8 -28.57 1.05 11.86
CA ALA B 8 -28.63 2.30 11.09
C ALA B 8 -27.30 2.54 10.36
N ASP B 9 -26.21 2.51 11.13
CA ASP B 9 -24.87 2.73 10.57
C ASP B 9 -24.55 1.72 9.48
N LEU B 10 -24.68 0.44 9.82
CA LEU B 10 -24.43 -0.67 8.92
C LEU B 10 -25.10 -0.53 7.56
N LYS B 11 -26.36 -0.13 7.53
CA LYS B 11 -27.06 0.03 6.26
C LYS B 11 -26.44 1.10 5.37
N ALA B 12 -25.90 2.15 6.00
CA ALA B 12 -25.28 3.22 5.23
C ALA B 12 -23.89 2.78 4.81
N PHE B 13 -23.21 2.08 5.73
CA PHE B 13 -21.86 1.54 5.52
C PHE B 13 -21.88 0.52 4.38
N SER B 14 -23.04 -0.13 4.22
CA SER B 14 -23.24 -1.13 3.20
C SER B 14 -23.50 -0.46 1.87
N LYS B 15 -24.17 0.68 1.91
CA LYS B 15 -24.47 1.42 0.70
C LYS B 15 -23.17 2.01 0.15
N HIS B 16 -22.33 2.51 1.07
CA HIS B 16 -21.05 3.11 0.72
C HIS B 16 -20.18 2.08 0.00
N ILE B 17 -20.05 0.90 0.57
CA ILE B 17 -19.24 -0.16 -0.01
C ILE B 17 -19.78 -0.48 -1.39
N TYR B 18 -21.10 -0.48 -1.52
CA TYR B 18 -21.75 -0.76 -2.78
C TYR B 18 -21.36 0.25 -3.83
N ASN B 19 -21.30 1.53 -3.44
CA ASN B 19 -20.93 2.59 -4.36
C ASN B 19 -19.47 2.39 -4.78
N ALA B 20 -18.67 1.88 -3.86
CA ALA B 20 -17.25 1.61 -4.08
C ALA B 20 -17.08 0.53 -5.14
N TYR B 21 -17.93 -0.49 -5.04
CA TYR B 21 -17.92 -1.63 -5.96
C TYR B 21 -18.40 -1.19 -7.33
N LEU B 22 -19.40 -0.31 -7.35
CA LEU B 22 -19.96 0.18 -8.59
C LEU B 22 -19.05 1.09 -9.39
N LYS B 23 -18.20 1.87 -8.73
CA LYS B 23 -17.34 2.73 -9.50
C LYS B 23 -15.96 2.16 -9.81
N ASN B 24 -15.71 0.93 -9.39
CA ASN B 24 -14.39 0.35 -9.63
C ASN B 24 -14.33 -0.85 -10.55
N PHE B 25 -15.32 -1.73 -10.46
CA PHE B 25 -15.30 -2.92 -11.29
C PHE B 25 -15.88 -2.66 -12.66
N ASN B 26 -15.15 -3.06 -13.68
CA ASN B 26 -15.62 -2.83 -15.03
C ASN B 26 -16.71 -3.78 -15.38
N MET B 27 -16.79 -4.90 -14.65
CA MET B 27 -17.85 -5.87 -14.93
C MET B 27 -18.64 -6.27 -13.70
N THR B 28 -19.91 -5.85 -13.69
CA THR B 28 -20.83 -6.16 -12.60
C THR B 28 -21.68 -7.34 -13.06
N LYS B 29 -22.25 -8.06 -12.10
CA LYS B 29 -23.08 -9.21 -12.42
C LYS B 29 -24.34 -8.76 -13.14
N LYS B 30 -24.86 -7.58 -12.77
CA LYS B 30 -26.06 -7.01 -13.39
C LYS B 30 -25.84 -6.91 -14.89
N LYS B 31 -24.73 -6.27 -15.26
CA LYS B 31 -24.35 -6.10 -16.64
C LYS B 31 -24.08 -7.45 -17.28
N ALA B 32 -23.28 -8.27 -16.60
CA ALA B 32 -22.89 -9.59 -17.11
C ALA B 32 -24.02 -10.57 -17.31
N ARG B 33 -24.94 -10.62 -16.35
CA ARG B 33 -26.07 -11.53 -16.42
C ARG B 33 -27.05 -11.19 -17.54
N SER B 34 -27.12 -9.92 -17.94
CA SER B 34 -28.04 -9.55 -19.02
C SER B 34 -27.52 -10.04 -20.36
N ILE B 35 -26.21 -9.90 -20.58
CA ILE B 35 -25.56 -10.32 -21.81
C ILE B 35 -25.75 -11.81 -22.07
N LEU B 36 -25.53 -12.62 -21.04
CA LEU B 36 -25.64 -14.08 -21.12
C LEU B 36 -27.07 -14.63 -21.25
N THR B 37 -28.06 -13.76 -21.36
CA THR B 37 -29.44 -14.22 -21.48
C THR B 37 -30.20 -13.67 -22.71
N GLY B 38 -30.09 -12.36 -22.94
CA GLY B 38 -30.76 -11.71 -24.05
C GLY B 38 -30.95 -10.21 -23.81
N ALA B 44 -24.80 -9.67 -29.48
CA ALA B 44 -24.39 -11.00 -29.05
C ALA B 44 -22.88 -11.15 -29.18
N PRO B 45 -22.22 -11.57 -28.09
CA PRO B 45 -20.77 -11.76 -28.07
C PRO B 45 -20.29 -12.91 -28.95
N PHE B 46 -19.22 -12.67 -29.69
CA PHE B 46 -18.62 -13.66 -30.59
C PHE B 46 -18.14 -14.84 -29.78
N VAL B 47 -18.72 -16.01 -30.06
CA VAL B 47 -18.38 -17.24 -29.36
C VAL B 47 -17.04 -17.85 -29.77
N ILE B 48 -16.15 -18.02 -28.81
CA ILE B 48 -14.83 -18.62 -29.06
C ILE B 48 -14.89 -20.07 -28.61
N HIS B 49 -14.64 -21.01 -29.54
CA HIS B 49 -14.71 -22.43 -29.21
C HIS B 49 -13.62 -23.28 -29.83
N ASP B 50 -12.81 -22.68 -30.69
CA ASP B 50 -11.70 -23.40 -31.32
C ASP B 50 -10.56 -22.43 -31.56
N ILE B 51 -9.52 -22.85 -32.26
CA ILE B 51 -8.39 -21.97 -32.54
C ILE B 51 -8.76 -20.88 -33.52
N GLU B 52 -9.54 -21.27 -34.54
CA GLU B 52 -10.00 -20.39 -35.60
C GLU B 52 -10.79 -19.20 -35.06
N THR B 53 -11.76 -19.46 -34.18
CA THR B 53 -12.56 -18.38 -33.61
C THR B 53 -11.77 -17.47 -32.67
N LEU B 54 -10.83 -18.05 -31.93
CA LEU B 54 -9.99 -17.26 -31.04
C LEU B 54 -9.16 -16.30 -31.88
N TRP B 55 -8.61 -16.80 -32.97
CA TRP B 55 -7.79 -15.98 -33.86
C TRP B 55 -8.63 -14.84 -34.41
N GLN B 56 -9.90 -15.15 -34.68
CA GLN B 56 -10.84 -14.17 -35.19
C GLN B 56 -11.07 -13.13 -34.09
N ALA B 57 -11.23 -13.62 -32.86
CA ALA B 57 -11.46 -12.75 -31.71
C ALA B 57 -10.27 -11.81 -31.49
N GLU B 58 -9.07 -12.27 -31.80
CA GLU B 58 -7.88 -11.44 -31.63
C GLU B 58 -7.81 -10.35 -32.69
N LYS B 59 -8.14 -10.70 -33.93
CA LYS B 59 -8.09 -9.77 -35.07
C LYS B 59 -9.05 -8.59 -35.08
N GLY B 60 -10.16 -8.71 -34.36
CA GLY B 60 -11.10 -7.60 -34.33
C GLY B 60 -12.44 -7.91 -33.71
N LEU B 61 -13.05 -9.03 -34.11
CA LEU B 61 -14.35 -9.42 -33.60
C LEU B 61 -14.54 -9.25 -32.08
N VAL B 62 -13.43 -9.10 -31.37
CA VAL B 62 -13.48 -8.92 -29.93
C VAL B 62 -12.33 -8.01 -29.50
N TRP B 63 -11.12 -8.52 -29.53
CA TRP B 63 -9.96 -7.71 -29.15
C TRP B 63 -9.48 -6.90 -30.34
N LEU B 70 1.13 -8.74 -24.55
CA LEU B 70 1.25 -10.14 -24.16
C LEU B 70 2.60 -10.70 -24.63
N PRO B 71 3.11 -11.74 -23.95
CA PRO B 71 4.40 -12.33 -24.34
C PRO B 71 4.29 -12.90 -25.76
N PRO B 72 5.44 -13.10 -26.43
CA PRO B 72 5.41 -13.63 -27.80
C PRO B 72 4.61 -14.93 -27.82
N TYR B 73 3.85 -15.13 -28.90
CA TYR B 73 3.03 -16.33 -29.03
C TYR B 73 3.93 -17.56 -28.84
N LYS B 74 3.31 -18.68 -28.47
CA LYS B 74 4.03 -19.95 -28.27
C LYS B 74 3.14 -21.09 -28.76
N GLU B 75 1.94 -21.18 -28.19
CA GLU B 75 0.95 -22.22 -28.55
C GLU B 75 -0.41 -21.78 -28.01
N ILE B 76 -1.46 -22.51 -28.38
CA ILE B 76 -2.81 -22.15 -27.99
C ILE B 76 -3.11 -22.14 -26.49
N SER B 77 -2.77 -23.23 -25.80
CA SER B 77 -3.03 -23.32 -24.38
C SER B 77 -2.23 -22.27 -23.59
N VAL B 78 -1.03 -21.94 -24.05
CA VAL B 78 -0.21 -20.95 -23.36
C VAL B 78 -0.76 -19.54 -23.59
N HIS B 79 -1.40 -19.34 -24.74
CA HIS B 79 -1.96 -18.06 -25.06
C HIS B 79 -3.18 -17.76 -24.19
N VAL B 80 -3.99 -18.78 -23.94
CA VAL B 80 -5.17 -18.63 -23.09
C VAL B 80 -4.72 -18.36 -21.66
N PHE B 81 -3.68 -19.08 -21.24
CA PHE B 81 -3.13 -18.91 -19.90
C PHE B 81 -2.68 -17.47 -19.69
N TYR B 82 -2.08 -16.87 -20.71
CA TYR B 82 -1.62 -15.49 -20.64
C TYR B 82 -2.77 -14.51 -20.50
N ARG B 83 -3.85 -14.72 -21.25
CA ARG B 83 -4.99 -13.82 -21.14
C ARG B 83 -5.67 -13.98 -19.79
N CYS B 84 -5.47 -15.14 -19.17
CA CYS B 84 -6.01 -15.43 -17.84
C CYS B 84 -5.20 -14.62 -16.84
N GLN B 85 -3.90 -14.56 -17.06
CA GLN B 85 -3.00 -13.81 -16.19
C GLN B 85 -3.34 -12.33 -16.25
N CYS B 86 -3.51 -11.82 -17.47
CA CYS B 86 -3.85 -10.42 -17.66
C CYS B 86 -5.13 -10.06 -16.94
N THR B 87 -6.13 -10.91 -17.08
CA THR B 87 -7.42 -10.71 -16.44
C THR B 87 -7.20 -10.51 -14.94
N THR B 88 -6.26 -11.24 -14.37
CA THR B 88 -5.95 -11.14 -12.94
C THR B 88 -5.26 -9.82 -12.61
N VAL B 89 -4.33 -9.41 -13.46
CA VAL B 89 -3.59 -8.15 -13.28
C VAL B 89 -4.51 -6.94 -13.32
N GLU B 90 -5.52 -7.00 -14.18
CA GLU B 90 -6.49 -5.93 -14.31
C GLU B 90 -7.48 -5.90 -13.15
N THR B 91 -7.96 -7.08 -12.74
CA THR B 91 -8.90 -7.21 -11.64
C THR B 91 -8.25 -6.82 -10.31
N VAL B 92 -6.96 -7.11 -10.19
CA VAL B 92 -6.23 -6.77 -8.97
C VAL B 92 -6.14 -5.25 -8.80
N ARG B 93 -6.11 -4.51 -9.91
CA ARG B 93 -6.07 -3.06 -9.84
C ARG B 93 -7.41 -2.59 -9.32
N GLU B 94 -8.48 -3.11 -9.93
CA GLU B 94 -9.83 -2.76 -9.54
C GLU B 94 -10.10 -3.12 -8.09
N LEU B 95 -9.59 -4.28 -7.66
CA LEU B 95 -9.76 -4.74 -6.28
C LEU B 95 -8.97 -3.84 -5.33
N THR B 96 -7.91 -3.20 -5.82
CA THR B 96 -7.11 -2.29 -5.02
C THR B 96 -7.91 -1.02 -4.80
N GLU B 97 -8.50 -0.49 -5.87
CA GLU B 97 -9.30 0.72 -5.76
C GLU B 97 -10.58 0.48 -4.95
N PHE B 98 -11.10 -0.73 -5.02
CA PHE B 98 -12.31 -1.09 -4.27
C PHE B 98 -12.01 -1.01 -2.78
N ALA B 99 -10.96 -1.70 -2.36
CA ALA B 99 -10.56 -1.71 -0.95
C ALA B 99 -10.16 -0.31 -0.46
N LYS B 100 -9.46 0.46 -1.28
CA LYS B 100 -9.05 1.82 -0.88
C LYS B 100 -10.27 2.71 -0.65
N SER B 101 -11.35 2.43 -1.37
CA SER B 101 -12.60 3.17 -1.28
C SER B 101 -13.38 2.89 0.01
N ILE B 102 -12.79 2.09 0.88
CA ILE B 102 -13.39 1.80 2.18
C ILE B 102 -12.45 2.55 3.16
N PRO B 103 -12.89 3.72 3.66
CA PRO B 103 -12.12 4.56 4.59
C PRO B 103 -11.35 3.77 5.67
N SER B 104 -12.04 2.80 6.25
CA SER B 104 -11.53 1.93 7.29
C SER B 104 -10.30 1.16 6.79
N PHE B 105 -10.36 0.69 5.55
CA PHE B 105 -9.24 -0.04 4.97
C PHE B 105 -7.99 0.83 4.72
N SER B 106 -8.17 1.95 4.04
CA SER B 106 -7.06 2.83 3.72
C SER B 106 -6.40 3.51 4.93
N SER B 107 -7.02 3.41 6.11
CA SER B 107 -6.43 4.02 7.31
C SER B 107 -5.29 3.15 7.84
N LEU B 108 -5.33 1.85 7.53
CA LEU B 108 -4.29 0.90 7.94
C LEU B 108 -3.01 1.25 7.20
N PHE B 109 -1.87 0.93 7.78
CA PHE B 109 -0.60 1.21 7.13
C PHE B 109 -0.54 0.39 5.87
N LEU B 110 0.02 0.97 4.82
CA LEU B 110 0.13 0.34 3.51
C LEU B 110 0.54 -1.14 3.47
N ASN B 111 1.48 -1.53 4.33
CA ASN B 111 1.95 -2.92 4.37
C ASN B 111 0.86 -3.93 4.72
N ASP B 112 0.00 -3.60 5.68
CA ASP B 112 -1.09 -4.47 6.06
C ASP B 112 -2.09 -4.53 4.90
N GLN B 113 -2.19 -3.42 4.18
CA GLN B 113 -3.10 -3.35 3.04
C GLN B 113 -2.59 -4.34 1.98
N VAL B 114 -1.28 -4.37 1.79
CA VAL B 114 -0.68 -5.26 0.81
C VAL B 114 -0.90 -6.71 1.21
N THR B 115 -0.67 -7.02 2.48
CA THR B 115 -0.83 -8.39 2.98
C THR B 115 -2.26 -8.88 2.78
N LEU B 116 -3.23 -8.00 2.95
CA LEU B 116 -4.63 -8.35 2.79
C LEU B 116 -4.92 -8.66 1.32
N LEU B 117 -4.54 -7.73 0.44
CA LEU B 117 -4.75 -7.88 -1.01
C LEU B 117 -4.05 -9.11 -1.57
N LYS B 118 -2.81 -9.32 -1.16
CA LYS B 118 -2.02 -10.45 -1.61
C LYS B 118 -2.69 -11.80 -1.32
N TYR B 119 -3.18 -11.99 -0.11
CA TYR B 119 -3.80 -13.25 0.24
C TYR B 119 -5.28 -13.34 -0.03
N GLY B 120 -5.89 -12.24 -0.48
CA GLY B 120 -7.32 -12.26 -0.73
C GLY B 120 -7.81 -11.99 -2.13
N VAL B 121 -6.98 -11.43 -3.01
CA VAL B 121 -7.44 -11.14 -4.37
C VAL B 121 -7.89 -12.34 -5.18
N HIS B 122 -7.15 -13.45 -5.12
CA HIS B 122 -7.57 -14.62 -5.87
C HIS B 122 -8.89 -15.15 -5.37
N GLU B 123 -9.12 -15.06 -4.06
CA GLU B 123 -10.38 -15.50 -3.47
C GLU B 123 -11.49 -14.63 -4.03
N ALA B 124 -11.27 -13.32 -4.03
CA ALA B 124 -12.25 -12.37 -4.53
C ALA B 124 -12.46 -12.55 -6.03
N ILE B 125 -11.40 -12.92 -6.73
CA ILE B 125 -11.46 -13.13 -8.16
C ILE B 125 -12.38 -14.27 -8.56
N PHE B 126 -12.24 -15.42 -7.89
CA PHE B 126 -13.06 -16.57 -8.25
C PHE B 126 -14.50 -16.39 -7.85
N ALA B 127 -14.72 -15.51 -6.88
CA ALA B 127 -16.06 -15.21 -6.42
C ALA B 127 -16.73 -14.41 -7.54
N MET B 128 -16.05 -13.36 -7.99
CA MET B 128 -16.54 -12.47 -9.06
C MET B 128 -16.55 -13.12 -10.43
N LEU B 129 -15.73 -14.16 -10.59
CA LEU B 129 -15.63 -14.88 -11.84
C LEU B 129 -16.95 -15.60 -12.11
N ALA B 130 -17.64 -15.94 -11.03
CA ALA B 130 -18.92 -16.62 -11.12
C ALA B 130 -19.95 -15.77 -11.83
N SER B 131 -19.76 -14.46 -11.79
CA SER B 131 -20.66 -13.51 -12.42
C SER B 131 -20.69 -13.58 -13.94
N ILE B 132 -19.53 -13.74 -14.56
CA ILE B 132 -19.45 -13.82 -16.01
C ILE B 132 -19.38 -15.25 -16.49
N VAL B 133 -19.96 -16.15 -15.70
CA VAL B 133 -19.96 -17.59 -15.96
C VAL B 133 -21.32 -18.28 -15.85
N ASN B 134 -21.56 -19.24 -16.72
CA ASN B 134 -22.74 -20.08 -16.69
C ASN B 134 -22.19 -21.46 -17.06
N LYS B 135 -23.01 -22.50 -17.00
CA LYS B 135 -22.50 -23.84 -17.29
C LYS B 135 -21.76 -24.07 -18.60
N ASP B 136 -22.01 -23.22 -19.61
CA ASP B 136 -21.38 -23.38 -20.90
C ASP B 136 -20.13 -22.58 -21.23
N GLY B 137 -19.84 -21.56 -20.43
CA GLY B 137 -18.67 -20.74 -20.70
C GLY B 137 -18.60 -19.43 -19.94
N LEU B 138 -17.65 -18.59 -20.32
CA LEU B 138 -17.46 -17.31 -19.64
C LEU B 138 -17.30 -16.15 -20.58
N LEU B 139 -17.75 -14.98 -20.15
CA LEU B 139 -17.63 -13.75 -20.93
C LEU B 139 -16.22 -13.24 -20.90
N VAL B 140 -15.78 -12.66 -22.00
CA VAL B 140 -14.43 -12.10 -22.11
C VAL B 140 -14.47 -10.76 -22.82
N ALA B 141 -13.36 -10.05 -22.74
CA ALA B 141 -13.22 -8.74 -23.37
C ALA B 141 -14.44 -7.87 -23.13
N ASN B 142 -14.55 -7.39 -21.91
CA ASN B 142 -15.65 -6.52 -21.53
C ASN B 142 -17.05 -7.01 -21.94
N GLY B 143 -17.18 -8.32 -22.13
CA GLY B 143 -18.45 -8.90 -22.50
C GLY B 143 -18.66 -9.07 -23.99
N SER B 144 -17.74 -8.56 -24.80
CA SER B 144 -17.89 -8.69 -26.23
C SER B 144 -17.69 -10.13 -26.71
N GLY B 145 -17.00 -10.94 -25.90
CA GLY B 145 -16.76 -12.33 -26.27
C GLY B 145 -17.31 -13.31 -25.25
N PHE B 146 -17.36 -14.58 -25.64
CA PHE B 146 -17.83 -15.65 -24.78
C PHE B 146 -16.99 -16.88 -25.12
N VAL B 147 -16.11 -17.26 -24.20
CA VAL B 147 -15.26 -18.43 -24.41
C VAL B 147 -16.05 -19.61 -23.87
N THR B 148 -16.08 -20.70 -24.63
CA THR B 148 -16.80 -21.90 -24.21
C THR B 148 -15.97 -22.72 -23.23
N ARG B 149 -16.67 -23.31 -22.26
CA ARG B 149 -16.05 -24.13 -21.25
C ARG B 149 -15.43 -25.35 -21.92
N GLU B 150 -16.15 -25.95 -22.87
CA GLU B 150 -15.65 -27.12 -23.57
C GLU B 150 -14.29 -26.85 -24.24
N PHE B 151 -14.16 -25.67 -24.86
CA PHE B 151 -12.90 -25.29 -25.49
C PHE B 151 -11.83 -25.13 -24.43
N LEU B 152 -12.20 -24.57 -23.28
CA LEU B 152 -11.25 -24.38 -22.20
C LEU B 152 -10.72 -25.71 -21.68
N ARG B 153 -11.60 -26.70 -21.62
CA ARG B 153 -11.22 -28.02 -21.15
C ARG B 153 -10.26 -28.70 -22.13
N SER B 154 -10.49 -28.48 -23.42
CA SER B 154 -9.68 -29.06 -24.50
C SER B 154 -8.21 -28.65 -24.52
N LEU B 155 -7.88 -27.61 -23.77
CA LEU B 155 -6.51 -27.13 -23.71
C LEU B 155 -5.57 -28.18 -23.11
N ARG B 156 -4.27 -27.94 -23.20
CA ARG B 156 -3.27 -28.85 -22.65
C ARG B 156 -3.43 -29.06 -21.15
N LYS B 157 -3.32 -30.32 -20.72
CA LYS B 157 -3.45 -30.74 -19.33
C LYS B 157 -2.88 -29.83 -18.27
N PRO B 158 -1.62 -29.37 -18.45
CA PRO B 158 -1.11 -28.49 -17.38
C PRO B 158 -1.95 -27.23 -17.17
N PHE B 159 -2.40 -26.62 -18.27
CA PHE B 159 -3.17 -25.38 -18.22
C PHE B 159 -4.68 -25.57 -18.06
N SER B 160 -5.21 -26.68 -18.56
CA SER B 160 -6.64 -26.93 -18.46
C SER B 160 -7.09 -27.36 -17.06
N ASP B 161 -6.13 -27.70 -16.19
CA ASP B 161 -6.45 -28.10 -14.83
C ASP B 161 -6.89 -26.94 -13.94
N ILE B 162 -6.34 -25.76 -14.16
CA ILE B 162 -6.70 -24.60 -13.36
C ILE B 162 -8.06 -24.06 -13.80
N ILE B 163 -8.61 -24.62 -14.88
CA ILE B 163 -9.88 -24.16 -15.42
C ILE B 163 -11.15 -24.71 -14.81
N GLU B 164 -11.35 -26.01 -14.92
CA GLU B 164 -12.57 -26.68 -14.43
C GLU B 164 -13.03 -26.45 -12.99
N PRO B 165 -12.10 -26.36 -12.01
CA PRO B 165 -12.54 -26.14 -10.63
C PRO B 165 -13.29 -24.84 -10.47
N LYS B 166 -12.87 -23.83 -11.24
CA LYS B 166 -13.49 -22.53 -11.21
C LYS B 166 -14.93 -22.58 -11.66
N PHE B 167 -15.22 -23.44 -12.64
CA PHE B 167 -16.59 -23.58 -13.15
C PHE B 167 -17.49 -24.35 -12.18
N GLU B 168 -16.95 -25.38 -11.55
CA GLU B 168 -17.71 -26.17 -10.60
C GLU B 168 -18.16 -25.29 -9.45
N PHE B 169 -17.25 -24.42 -9.01
CA PHE B 169 -17.55 -23.50 -7.92
C PHE B 169 -18.53 -22.44 -8.39
N ALA B 170 -18.29 -21.89 -9.58
CA ALA B 170 -19.12 -20.84 -10.12
C ALA B 170 -20.60 -21.19 -10.30
N VAL B 171 -20.91 -22.34 -10.90
CA VAL B 171 -22.31 -22.71 -11.10
C VAL B 171 -23.03 -22.95 -9.79
N LYS B 172 -22.35 -23.56 -8.82
CA LYS B 172 -22.93 -23.80 -7.50
C LYS B 172 -23.13 -22.49 -6.75
N PHE B 173 -22.26 -21.54 -7.02
CA PHE B 173 -22.32 -20.23 -6.38
C PHE B 173 -23.44 -19.39 -6.97
N ASN B 174 -23.63 -19.49 -8.28
CA ASN B 174 -24.68 -18.73 -8.94
C ASN B 174 -26.09 -19.17 -8.56
N ALA B 175 -26.22 -20.35 -7.95
CA ALA B 175 -27.51 -20.87 -7.53
C ALA B 175 -27.99 -20.20 -6.25
N LEU B 176 -27.13 -19.39 -5.63
CA LEU B 176 -27.47 -18.67 -4.42
C LEU B 176 -28.17 -17.39 -4.81
N GLU B 177 -28.11 -17.09 -6.11
CA GLU B 177 -28.74 -15.91 -6.70
C GLU B 177 -28.43 -14.54 -6.12
N LEU B 178 -27.19 -14.33 -5.69
CA LEU B 178 -26.75 -13.05 -5.13
C LEU B 178 -26.70 -11.98 -6.22
N ASP B 179 -26.76 -10.71 -5.80
CA ASP B 179 -26.65 -9.57 -6.73
C ASP B 179 -25.46 -8.70 -6.34
N ASP B 180 -25.21 -7.64 -7.11
CA ASP B 180 -24.07 -6.75 -6.85
C ASP B 180 -23.98 -6.12 -5.46
N SER B 181 -25.11 -5.86 -4.83
CA SER B 181 -25.10 -5.27 -3.50
C SER B 181 -24.63 -6.29 -2.47
N ASP B 182 -24.98 -7.55 -2.69
CA ASP B 182 -24.56 -8.60 -1.78
C ASP B 182 -23.09 -8.84 -2.03
N LEU B 183 -22.77 -8.94 -3.32
CA LEU B 183 -21.41 -9.20 -3.77
C LEU B 183 -20.40 -8.20 -3.26
N ALA B 184 -20.78 -6.93 -3.22
CA ALA B 184 -19.87 -5.90 -2.75
C ALA B 184 -19.46 -6.21 -1.32
N LEU B 185 -20.43 -6.51 -0.47
CA LEU B 185 -20.16 -6.84 0.91
C LEU B 185 -19.33 -8.11 1.04
N PHE B 186 -19.66 -9.10 0.23
CA PHE B 186 -18.98 -10.39 0.20
C PHE B 186 -17.50 -10.21 -0.11
N ILE B 187 -17.22 -9.49 -1.20
CA ILE B 187 -15.86 -9.23 -1.62
C ILE B 187 -15.13 -8.45 -0.55
N ALA B 188 -15.83 -7.53 0.10
CA ALA B 188 -15.22 -6.72 1.14
C ALA B 188 -14.79 -7.59 2.31
N ALA B 189 -15.63 -8.55 2.68
CA ALA B 189 -15.37 -9.47 3.79
C ALA B 189 -14.22 -10.42 3.51
N ILE B 190 -14.00 -10.72 2.24
CA ILE B 190 -12.93 -11.60 1.83
C ILE B 190 -11.60 -10.86 1.92
N ILE B 191 -11.57 -9.63 1.41
CA ILE B 191 -10.34 -8.84 1.44
C ILE B 191 -9.95 -8.56 2.89
N LEU B 192 -10.90 -8.06 3.68
CA LEU B 192 -10.63 -7.77 5.08
C LEU B 192 -10.74 -9.00 5.97
N CYS B 193 -9.71 -9.83 5.89
CA CYS B 193 -9.64 -11.07 6.64
C CYS B 193 -8.56 -11.02 7.72
N GLY B 194 -8.95 -11.34 8.94
CA GLY B 194 -8.03 -11.29 10.05
C GLY B 194 -6.95 -12.34 10.18
N ASP B 195 -7.16 -13.53 9.62
CA ASP B 195 -6.16 -14.58 9.75
C ASP B 195 -5.14 -14.70 8.61
N ARG B 196 -4.90 -13.62 7.87
CA ARG B 196 -3.94 -13.67 6.78
C ARG B 196 -2.51 -13.68 7.33
N PRO B 197 -1.61 -14.46 6.70
CA PRO B 197 -0.22 -14.59 7.11
C PRO B 197 0.58 -13.28 7.20
N GLY B 198 1.08 -13.00 8.39
CA GLY B 198 1.91 -11.81 8.58
C GLY B 198 1.20 -10.49 8.81
N LEU B 199 -0.10 -10.52 9.08
CA LEU B 199 -0.84 -9.30 9.33
C LEU B 199 -0.25 -8.64 10.56
N MET B 200 -0.09 -7.33 10.49
CA MET B 200 0.49 -6.55 11.57
C MET B 200 -0.54 -6.13 12.62
N ASN B 201 -1.64 -5.52 12.19
CA ASN B 201 -2.68 -5.10 13.12
C ASN B 201 -3.93 -5.98 13.00
N VAL B 202 -3.81 -7.23 13.43
CA VAL B 202 -4.89 -8.20 13.37
C VAL B 202 -6.20 -7.77 14.04
N PRO B 203 -6.13 -7.25 15.26
CA PRO B 203 -7.38 -6.83 15.92
C PRO B 203 -8.13 -5.75 15.16
N ARG B 204 -7.40 -4.81 14.56
CA ARG B 204 -8.04 -3.73 13.80
C ARG B 204 -8.72 -4.30 12.56
N VAL B 205 -8.04 -5.20 11.87
CA VAL B 205 -8.58 -5.83 10.69
C VAL B 205 -9.76 -6.72 11.09
N GLU B 206 -9.64 -7.44 12.20
CA GLU B 206 -10.71 -8.33 12.64
C GLU B 206 -11.99 -7.56 12.93
N ALA B 207 -11.82 -6.41 13.59
CA ALA B 207 -12.94 -5.55 13.95
C ALA B 207 -13.68 -5.09 12.69
N ILE B 208 -12.92 -4.74 11.65
CA ILE B 208 -13.53 -4.30 10.42
C ILE B 208 -14.28 -5.43 9.74
N GLN B 209 -13.68 -6.61 9.65
CA GLN B 209 -14.37 -7.74 9.03
C GLN B 209 -15.70 -8.02 9.72
N ASP B 210 -15.74 -7.84 11.04
CA ASP B 210 -16.95 -8.08 11.79
C ASP B 210 -18.04 -7.07 11.45
N THR B 211 -17.63 -5.82 11.22
CA THR B 211 -18.58 -4.78 10.85
C THR B 211 -19.16 -5.09 9.47
N ILE B 212 -18.29 -5.50 8.54
CA ILE B 212 -18.71 -5.84 7.19
C ILE B 212 -19.69 -7.00 7.20
N LEU B 213 -19.39 -8.01 8.01
CA LEU B 213 -20.26 -9.18 8.11
C LEU B 213 -21.62 -8.85 8.73
N ARG B 214 -21.64 -7.98 9.74
CA ARG B 214 -22.88 -7.59 10.37
C ARG B 214 -23.70 -6.78 9.36
N ALA B 215 -23.02 -6.04 8.50
CA ALA B 215 -23.68 -5.26 7.48
C ALA B 215 -24.29 -6.21 6.46
N LEU B 216 -23.52 -7.24 6.12
CA LEU B 216 -23.95 -8.25 5.17
C LEU B 216 -25.18 -9.04 5.67
N GLU B 217 -25.17 -9.30 6.97
CA GLU B 217 -26.19 -10.05 7.68
C GLU B 217 -27.54 -9.36 7.63
N PHE B 218 -27.54 -8.06 7.90
CA PHE B 218 -28.76 -7.26 7.88
C PHE B 218 -29.22 -7.09 6.46
N HIS B 219 -28.27 -6.84 5.58
CA HIS B 219 -28.51 -6.65 4.17
C HIS B 219 -29.19 -7.88 3.58
N LEU B 220 -28.72 -9.07 3.95
CA LEU B 220 -29.30 -10.31 3.46
C LEU B 220 -30.73 -10.49 3.96
N GLN B 221 -31.04 -9.98 5.14
CA GLN B 221 -32.40 -10.09 5.64
C GLN B 221 -33.33 -9.15 4.87
N ALA B 222 -32.78 -8.00 4.49
CA ALA B 222 -33.54 -7.03 3.75
C ALA B 222 -33.70 -7.41 2.27
N ASN B 223 -32.59 -7.76 1.63
CA ASN B 223 -32.56 -8.11 0.22
C ASN B 223 -32.98 -9.54 -0.14
N HIS B 224 -32.98 -10.45 0.82
CA HIS B 224 -33.36 -11.86 0.61
C HIS B 224 -34.13 -12.38 1.81
N PRO B 225 -35.28 -11.77 2.11
CA PRO B 225 -36.11 -12.16 3.25
C PRO B 225 -36.55 -13.63 3.28
N ASP B 226 -36.59 -14.28 2.12
CA ASP B 226 -37.06 -15.64 2.08
C ASP B 226 -36.01 -16.74 1.86
N ALA B 227 -34.73 -16.36 1.85
CA ALA B 227 -33.66 -17.33 1.66
C ALA B 227 -33.22 -17.85 3.03
N GLN B 228 -33.63 -19.09 3.32
CA GLN B 228 -33.37 -19.77 4.58
C GLN B 228 -32.08 -19.48 5.35
N TYR B 229 -30.98 -20.12 4.97
CA TYR B 229 -29.73 -19.91 5.70
C TYR B 229 -28.66 -19.30 4.81
N LEU B 230 -29.02 -18.26 4.06
CA LEU B 230 -28.09 -17.62 3.14
C LEU B 230 -26.77 -17.17 3.75
N PHE B 231 -26.83 -16.48 4.88
CA PHE B 231 -25.63 -16.00 5.56
C PHE B 231 -24.64 -17.11 5.93
N PRO B 232 -25.05 -18.12 6.72
CA PRO B 232 -24.05 -19.15 7.03
C PRO B 232 -23.55 -19.84 5.77
N LYS B 233 -24.40 -19.91 4.76
CA LYS B 233 -24.03 -20.50 3.48
C LYS B 233 -22.90 -19.72 2.81
N LEU B 234 -22.97 -18.39 2.91
CA LEU B 234 -21.95 -17.52 2.33
C LEU B 234 -20.64 -17.58 3.11
N LEU B 235 -20.74 -17.92 4.40
CA LEU B 235 -19.57 -18.06 5.24
C LEU B 235 -18.83 -19.32 4.80
N GLN B 236 -19.62 -20.33 4.45
CA GLN B 236 -19.07 -21.58 3.97
C GLN B 236 -18.43 -21.39 2.60
N LYS B 237 -18.99 -20.50 1.78
CA LYS B 237 -18.43 -20.27 0.46
C LYS B 237 -17.12 -19.52 0.55
N MET B 238 -16.96 -18.74 1.61
CA MET B 238 -15.73 -18.00 1.83
C MET B 238 -14.66 -19.04 2.17
N ALA B 239 -15.07 -20.06 2.91
CA ALA B 239 -14.18 -21.16 3.29
C ALA B 239 -13.89 -22.01 2.06
N ASP B 240 -14.89 -22.18 1.21
CA ASP B 240 -14.75 -22.95 -0.02
C ASP B 240 -13.75 -22.25 -0.96
N LEU B 241 -13.75 -20.93 -0.94
CA LEU B 241 -12.86 -20.13 -1.77
C LEU B 241 -11.41 -20.22 -1.31
N ARG B 242 -11.20 -20.17 0.00
CA ARG B 242 -9.86 -20.27 0.56
C ARG B 242 -9.21 -21.57 0.15
N GLN B 243 -10.05 -22.60 -0.02
CA GLN B 243 -9.63 -23.92 -0.42
C GLN B 243 -9.41 -24.01 -1.92
N LEU B 244 -10.25 -23.32 -2.67
CA LEU B 244 -10.17 -23.29 -4.11
C LEU B 244 -8.89 -22.59 -4.52
N VAL B 245 -8.54 -21.54 -3.79
CA VAL B 245 -7.32 -20.78 -4.05
C VAL B 245 -6.11 -21.66 -3.81
N THR B 246 -6.18 -22.48 -2.77
CA THR B 246 -5.09 -23.39 -2.42
C THR B 246 -4.86 -24.46 -3.50
N GLU B 247 -5.92 -25.08 -4.00
CA GLU B 247 -5.78 -26.09 -5.04
C GLU B 247 -5.24 -25.41 -6.29
N HIS B 248 -5.64 -24.17 -6.51
CA HIS B 248 -5.19 -23.40 -7.66
C HIS B 248 -3.72 -23.02 -7.56
N ALA B 249 -3.32 -22.55 -6.38
CA ALA B 249 -1.95 -22.16 -6.14
C ALA B 249 -1.04 -23.35 -6.36
N GLN B 250 -1.55 -24.53 -6.05
CA GLN B 250 -0.78 -25.75 -6.23
C GLN B 250 -0.57 -26.04 -7.71
N MET B 251 -1.62 -25.91 -8.52
CA MET B 251 -1.50 -26.11 -9.94
C MET B 251 -0.61 -25.03 -10.56
N MET B 252 -0.67 -23.83 -10.00
CA MET B 252 0.15 -22.73 -10.48
C MET B 252 1.59 -23.07 -10.21
N GLN B 253 1.81 -23.81 -9.13
CA GLN B 253 3.15 -24.23 -8.73
C GLN B 253 3.65 -25.31 -9.71
N ARG B 254 2.73 -26.12 -10.21
CA ARG B 254 3.06 -27.17 -11.17
C ARG B 254 3.38 -26.58 -12.56
N ILE B 255 2.74 -25.46 -12.88
CA ILE B 255 3.00 -24.82 -14.16
C ILE B 255 4.41 -24.26 -14.14
N LYS B 256 4.80 -23.64 -13.03
CA LYS B 256 6.13 -23.05 -12.88
C LYS B 256 7.25 -24.07 -12.90
N LYS B 257 6.97 -25.30 -12.43
CA LYS B 257 7.97 -26.35 -12.42
C LYS B 257 8.10 -27.04 -13.76
N THR B 258 6.98 -27.49 -14.32
CA THR B 258 6.98 -28.23 -15.58
C THR B 258 6.84 -27.46 -16.89
N GLU B 259 6.32 -26.25 -16.82
CA GLU B 259 6.15 -25.44 -18.03
C GLU B 259 7.17 -24.32 -18.01
N THR B 260 8.44 -24.72 -17.99
CA THR B 260 9.57 -23.80 -17.92
C THR B 260 9.66 -22.72 -19.00
N GLU B 261 9.11 -22.99 -20.18
CA GLU B 261 9.16 -22.03 -21.27
C GLU B 261 8.10 -20.94 -21.19
N THR B 262 7.07 -21.15 -20.37
CA THR B 262 5.99 -20.19 -20.23
C THR B 262 6.26 -19.13 -19.14
N SER B 263 5.95 -17.88 -19.45
CA SER B 263 6.15 -16.78 -18.53
C SER B 263 5.12 -16.76 -17.40
N LEU B 264 5.40 -15.92 -16.41
CA LEU B 264 4.52 -15.71 -15.27
C LEU B 264 4.65 -14.24 -14.96
N HIS B 265 3.54 -13.51 -15.03
CA HIS B 265 3.56 -12.08 -14.76
C HIS B 265 4.13 -11.80 -13.36
N PRO B 266 5.01 -10.78 -13.25
CA PRO B 266 5.65 -10.37 -12.00
C PRO B 266 4.73 -10.22 -10.80
N LEU B 267 3.51 -9.73 -11.03
CA LEU B 267 2.53 -9.55 -9.96
C LEU B 267 2.07 -10.90 -9.42
N LEU B 268 1.75 -11.83 -10.33
CA LEU B 268 1.31 -13.16 -9.92
C LEU B 268 2.49 -13.86 -9.25
N GLN B 269 3.68 -13.55 -9.71
CA GLN B 269 4.89 -14.14 -9.15
C GLN B 269 5.04 -13.71 -7.67
N GLU B 270 4.74 -12.45 -7.38
CA GLU B 270 4.81 -11.89 -6.03
C GLU B 270 3.68 -12.38 -5.11
N ILE B 271 2.52 -12.70 -5.69
CA ILE B 271 1.38 -13.18 -4.90
C ILE B 271 1.60 -14.65 -4.50
N TYR B 272 2.14 -15.44 -5.43
CA TYR B 272 2.38 -16.85 -5.20
C TYR B 272 3.66 -17.18 -4.42
N LYS B 273 4.51 -16.17 -4.23
CA LYS B 273 5.75 -16.32 -3.47
C LYS B 273 5.38 -16.81 -2.06
N ASP B 274 5.72 -18.06 -1.75
CA ASP B 274 5.44 -18.70 -0.46
C ASP B 274 4.07 -18.43 0.22
#